data_5AV4
#
_entry.id   5AV4
#
_cell.length_a   47.022
_cell.length_b   62.053
_cell.length_c   88.353
_cell.angle_alpha   90.00
_cell.angle_beta   90.00
_cell.angle_gamma   90.00
#
_symmetry.space_group_name_H-M   'P 21 21 21'
#
loop_
_entity.id
_entity.type
_entity.pdbx_description
1 polymer 'Death-associated protein kinase 1'
2 non-polymer GENISTEIN
3 non-polymer 'BROMIDE ION'
4 water water
#
_entity_poly.entity_id   1
_entity_poly.type   'polypeptide(L)'
_entity_poly.pdbx_seq_one_letter_code
;MTVFRQENVDDYYDTGEELGSGQFAVVKKCREKSTGLQYAAKFIKKRRTKSSRRGVSREDIEREVSILKEIQHPNVITLH
EVYENKTDVILILELVAGGELFDFLAEKESLTEEEATEFLKQILNGVYYLHSLQIAHFDLKPENIMLLDRNVPKPRIKII
DFGLAHKIDFGNEFKNIFGTPEFVAPEIVNYEPLGLEADMWSIGVITYILLSGASPFLGDTKQETLANVSAVNYEFEDEY
FSNTSALAKDFIRRLLVKDPKKRMTIQDSLQHPWIKPKDTQQALSLEHHHHHH
;
_entity_poly.pdbx_strand_id   A
#
# COMPACT_ATOMS: atom_id res chain seq x y z
N THR A 2 2.20 -13.91 -20.58
CA THR A 2 1.57 -14.97 -19.79
C THR A 2 0.06 -14.89 -19.91
N VAL A 3 -0.60 -16.04 -20.09
CA VAL A 3 -2.04 -16.04 -20.18
C VAL A 3 -2.68 -16.63 -18.92
N PHE A 4 -3.96 -16.34 -18.72
CA PHE A 4 -4.66 -16.73 -17.51
C PHE A 4 -5.88 -17.58 -17.86
N ARG A 5 -6.58 -18.06 -16.84
CA ARG A 5 -7.73 -18.94 -17.04
C ARG A 5 -8.85 -18.23 -17.77
N GLN A 6 -9.28 -18.80 -18.90
CA GLN A 6 -10.22 -18.10 -19.75
C GLN A 6 -11.64 -18.66 -19.72
N GLU A 7 -11.88 -19.60 -18.81
CA GLU A 7 -13.24 -20.01 -18.52
C GLU A 7 -13.99 -18.86 -17.84
N ASN A 8 -15.31 -18.83 -17.95
CA ASN A 8 -16.10 -17.78 -17.31
C ASN A 8 -15.98 -17.89 -15.80
N VAL A 9 -15.55 -16.81 -15.14
CA VAL A 9 -15.33 -16.87 -13.70
C VAL A 9 -16.64 -17.19 -12.97
N ASP A 10 -17.76 -16.78 -13.57
CA ASP A 10 -19.05 -17.02 -12.94
C ASP A 10 -19.48 -18.49 -12.95
N ASP A 11 -18.76 -19.33 -13.69
CA ASP A 11 -19.00 -20.77 -13.66
C ASP A 11 -18.40 -21.39 -12.40
N TYR A 12 -17.49 -20.66 -11.77
CA TYR A 12 -16.73 -21.19 -10.64
C TYR A 12 -16.89 -20.38 -9.36
N TYR A 13 -17.34 -19.13 -9.50
CA TYR A 13 -17.52 -18.23 -8.37
C TYR A 13 -18.86 -17.50 -8.44
N ASP A 14 -19.45 -17.25 -7.27
CA ASP A 14 -20.60 -16.37 -7.16
C ASP A 14 -20.13 -15.09 -6.46
N THR A 15 -20.45 -13.95 -7.05
CA THR A 15 -20.05 -12.69 -6.45
C THR A 15 -21.15 -12.10 -5.57
N GLY A 16 -20.75 -11.27 -4.62
CA GLY A 16 -21.66 -10.64 -3.69
C GLY A 16 -21.37 -9.16 -3.53
N GLU A 17 -21.25 -8.70 -2.29
CA GLU A 17 -21.09 -7.27 -2.02
C GLU A 17 -19.76 -6.73 -2.52
N GLU A 18 -19.76 -5.44 -2.86
CA GLU A 18 -18.57 -4.77 -3.38
C GLU A 18 -17.68 -4.37 -2.23
N LEU A 19 -16.36 -4.58 -2.39
CA LEU A 19 -15.39 -4.29 -1.34
C LEU A 19 -14.59 -3.03 -1.60
N GLY A 20 -14.46 -2.64 -2.86
CA GLY A 20 -13.62 -1.52 -3.24
C GLY A 20 -13.75 -1.17 -4.71
N SER A 21 -13.43 0.07 -5.05
CA SER A 21 -13.63 0.60 -6.40
C SER A 21 -12.58 1.65 -6.66
N GLY A 22 -11.89 1.56 -7.81
CA GLY A 22 -10.88 2.54 -8.16
C GLY A 22 -11.01 2.97 -9.60
N GLN A 23 -9.96 3.60 -10.13
CA GLN A 23 -9.96 4.10 -11.50
C GLN A 23 -10.16 3.01 -12.55
N PHE A 24 -9.39 1.93 -12.45
CA PHE A 24 -9.51 0.85 -13.43
C PHE A 24 -9.90 -0.50 -12.83
N ALA A 25 -10.30 -0.50 -11.56
CA ALA A 25 -10.58 -1.77 -10.87
C ALA A 25 -11.82 -1.71 -9.98
N VAL A 26 -12.50 -2.84 -9.87
CA VAL A 26 -13.59 -2.99 -8.91
C VAL A 26 -13.42 -4.33 -8.23
N VAL A 27 -13.67 -4.39 -6.93
CA VAL A 27 -13.42 -5.58 -6.13
C VAL A 27 -14.72 -6.07 -5.49
N LYS A 28 -15.05 -7.33 -5.70
CA LYS A 28 -16.27 -7.91 -5.14
C LYS A 28 -15.97 -9.12 -4.27
N LYS A 29 -16.63 -9.21 -3.13
CA LYS A 29 -16.66 -10.46 -2.37
C LYS A 29 -17.13 -11.56 -3.29
N CYS A 30 -16.53 -12.74 -3.17
CA CYS A 30 -17.03 -13.87 -3.91
C CYS A 30 -16.88 -15.15 -3.12
N ARG A 31 -17.54 -16.19 -3.61
CA ARG A 31 -17.52 -17.50 -2.99
C ARG A 31 -17.26 -18.56 -4.06
N GLU A 32 -16.25 -19.41 -3.83
CA GLU A 32 -15.91 -20.45 -4.80
C GLU A 32 -16.91 -21.60 -4.70
N LYS A 33 -17.51 -21.99 -5.82
CA LYS A 33 -18.58 -23.00 -5.76
C LYS A 33 -18.10 -24.37 -5.26
N SER A 34 -16.88 -24.75 -5.62
CA SER A 34 -16.40 -26.09 -5.31
C SER A 34 -16.00 -26.31 -3.83
N THR A 35 -15.73 -25.23 -3.11
CA THR A 35 -15.19 -25.36 -1.74
C THR A 35 -15.98 -24.59 -0.69
N GLY A 36 -16.80 -23.64 -1.14
CA GLY A 36 -17.51 -22.75 -0.25
C GLY A 36 -16.62 -21.63 0.32
N LEU A 37 -15.35 -21.64 -0.06
CA LEU A 37 -14.41 -20.66 0.50
C LEU A 37 -14.59 -19.30 -0.16
N GLN A 38 -14.35 -18.25 0.61
CA GLN A 38 -14.62 -16.90 0.18
C GLN A 38 -13.35 -16.12 -0.13
N TYR A 39 -13.45 -15.25 -1.13
CA TYR A 39 -12.32 -14.53 -1.71
C TYR A 39 -12.76 -13.13 -2.10
N ALA A 40 -11.82 -12.33 -2.58
CA ALA A 40 -12.14 -11.03 -3.12
C ALA A 40 -11.71 -11.04 -4.58
N ALA A 41 -12.66 -10.81 -5.47
CA ALA A 41 -12.36 -10.81 -6.90
C ALA A 41 -12.14 -9.38 -7.37
N LYS A 42 -10.93 -9.10 -7.84
CA LYS A 42 -10.57 -7.77 -8.34
C LYS A 42 -10.61 -7.80 -9.86
N PHE A 43 -11.57 -7.09 -10.43
CA PHE A 43 -11.73 -7.01 -11.88
C PHE A 43 -10.94 -5.80 -12.38
N ILE A 44 -9.92 -6.06 -13.17
CA ILE A 44 -9.08 -4.99 -13.74
C ILE A 44 -9.39 -4.79 -15.23
N LYS A 45 -9.79 -3.58 -15.60
CA LYS A 45 -10.13 -3.28 -16.99
C LYS A 45 -8.89 -3.27 -17.89
N LYS A 46 -8.91 -4.10 -18.92
CA LYS A 46 -7.83 -4.14 -19.90
C LYS A 46 -7.83 -2.95 -20.85
N ARG A 47 -6.67 -2.62 -21.40
CA ARG A 47 -6.60 -1.69 -22.52
C ARG A 47 -7.22 -2.27 -23.79
N ARG A 48 -7.93 -1.43 -24.53
CA ARG A 48 -8.62 -1.85 -25.75
C ARG A 48 -7.77 -1.63 -26.99
N THR A 49 -6.83 -0.68 -26.92
CA THR A 49 -5.91 -0.42 -28.02
C THR A 49 -4.49 -0.21 -27.48
N LYS A 50 -3.51 -0.24 -28.36
CA LYS A 50 -2.11 -0.07 -27.97
C LYS A 50 -1.86 1.24 -27.24
N SER A 51 -2.38 2.33 -27.79
CA SER A 51 -2.02 3.67 -27.31
C SER A 51 -3.02 4.31 -26.34
N SER A 52 -4.07 3.58 -25.98
CA SER A 52 -5.09 4.12 -25.08
C SER A 52 -4.57 4.39 -23.67
N ARG A 53 -5.09 5.45 -23.06
CA ARG A 53 -4.78 5.81 -21.67
C ARG A 53 -5.78 5.14 -20.75
N ARG A 54 -6.87 4.64 -21.33
CA ARG A 54 -7.90 3.95 -20.56
C ARG A 54 -7.49 2.49 -20.35
N GLY A 55 -7.91 1.92 -19.24
CA GLY A 55 -7.57 0.54 -18.90
C GLY A 55 -6.12 0.38 -18.49
N VAL A 56 -5.76 -0.82 -18.07
CA VAL A 56 -4.41 -1.10 -17.62
C VAL A 56 -3.68 -1.92 -18.67
N SER A 57 -2.45 -1.53 -18.97
CA SER A 57 -1.65 -2.21 -19.99
C SER A 57 -1.37 -3.64 -19.59
N ARG A 58 -1.21 -4.51 -20.57
CA ARG A 58 -0.95 -5.92 -20.27
C ARG A 58 0.35 -6.03 -19.49
N GLU A 59 1.33 -5.20 -19.86
CA GLU A 59 2.60 -5.22 -19.17
C GLU A 59 2.41 -4.92 -17.69
N ASP A 60 1.59 -3.92 -17.38
CA ASP A 60 1.32 -3.55 -16.00
C ASP A 60 0.56 -4.64 -15.25
N ILE A 61 -0.43 -5.26 -15.90
CA ILE A 61 -1.17 -6.35 -15.26
C ILE A 61 -0.25 -7.53 -14.99
N GLU A 62 0.56 -7.90 -15.98
CA GLU A 62 1.47 -9.04 -15.81
C GLU A 62 2.48 -8.83 -14.69
N ARG A 63 2.98 -7.60 -14.55
CA ARG A 63 3.90 -7.26 -13.47
C ARG A 63 3.23 -7.46 -12.11
N GLU A 64 2.03 -6.92 -11.97
CA GLU A 64 1.29 -7.04 -10.72
C GLU A 64 1.03 -8.51 -10.36
N VAL A 65 0.59 -9.29 -11.35
CA VAL A 65 0.31 -10.71 -11.11
C VAL A 65 1.59 -11.45 -10.75
N SER A 66 2.70 -11.16 -11.43
CA SER A 66 3.95 -11.85 -11.13
CA SER A 66 3.96 -11.84 -11.14
C SER A 66 4.41 -11.59 -9.70
N ILE A 67 4.28 -10.34 -9.27
CA ILE A 67 4.64 -9.97 -7.91
C ILE A 67 3.73 -10.65 -6.90
N LEU A 68 2.43 -10.61 -7.15
CA LEU A 68 1.45 -11.24 -6.25
C LEU A 68 1.70 -12.75 -6.09
N LYS A 69 2.09 -13.43 -7.16
CA LYS A 69 2.35 -14.86 -7.09
C LYS A 69 3.52 -15.24 -6.16
N GLU A 70 4.46 -14.31 -5.97
CA GLU A 70 5.61 -14.55 -5.08
C GLU A 70 5.23 -14.54 -3.60
N ILE A 71 4.14 -13.86 -3.27
CA ILE A 71 3.89 -13.45 -1.88
C ILE A 71 3.15 -14.46 -1.01
N GLN A 72 3.76 -14.80 0.11
CA GLN A 72 3.06 -15.55 1.15
C GLN A 72 3.58 -15.11 2.52
N HIS A 73 2.76 -14.30 3.19
CA HIS A 73 3.12 -13.69 4.48
C HIS A 73 1.83 -13.20 5.15
N PRO A 74 1.72 -13.35 6.48
CA PRO A 74 0.49 -13.00 7.19
C PRO A 74 0.06 -11.54 7.04
N ASN A 75 1.00 -10.65 6.77
CA ASN A 75 0.67 -9.24 6.66
C ASN A 75 0.57 -8.70 5.23
N VAL A 76 0.51 -9.60 4.26
CA VAL A 76 0.36 -9.18 2.88
C VAL A 76 -0.73 -10.03 2.25
N ILE A 77 -1.53 -9.40 1.39
CA ILE A 77 -2.58 -10.10 0.65
C ILE A 77 -1.97 -11.22 -0.19
N THR A 78 -2.72 -12.30 -0.36
CA THR A 78 -2.27 -13.38 -1.21
C THR A 78 -3.19 -13.57 -2.38
N LEU A 79 -2.63 -14.15 -3.44
CA LEU A 79 -3.36 -14.36 -4.67
C LEU A 79 -3.72 -15.85 -4.79
N HIS A 80 -4.99 -16.12 -5.07
CA HIS A 80 -5.47 -17.50 -5.20
C HIS A 80 -5.46 -18.01 -6.64
N GLU A 81 -6.02 -17.22 -7.54
CA GLU A 81 -6.18 -17.59 -8.96
C GLU A 81 -6.28 -16.35 -9.81
N VAL A 82 -6.03 -16.49 -11.12
CA VAL A 82 -6.28 -15.41 -12.06
C VAL A 82 -7.09 -15.89 -13.26
N TYR A 83 -8.15 -15.16 -13.58
CA TYR A 83 -8.93 -15.39 -14.79
C TYR A 83 -8.81 -14.21 -15.73
N GLU A 84 -9.19 -14.39 -16.99
CA GLU A 84 -9.28 -13.23 -17.89
C GLU A 84 -10.29 -13.47 -18.98
N ASN A 85 -10.82 -12.38 -19.52
CA ASN A 85 -11.62 -12.42 -20.73
C ASN A 85 -11.22 -11.22 -21.58
N LYS A 86 -11.99 -10.93 -22.63
CA LYS A 86 -11.66 -9.82 -23.52
C LYS A 86 -11.56 -8.46 -22.80
N THR A 87 -12.34 -8.28 -21.75
CA THR A 87 -12.47 -6.96 -21.12
C THR A 87 -11.67 -6.80 -19.85
N ASP A 88 -11.51 -7.87 -19.09
CA ASP A 88 -10.91 -7.80 -17.76
C ASP A 88 -9.87 -8.87 -17.51
N VAL A 89 -8.93 -8.57 -16.61
CA VAL A 89 -8.24 -9.62 -15.87
C VAL A 89 -8.90 -9.67 -14.50
N ILE A 90 -9.15 -10.87 -13.99
CA ILE A 90 -9.82 -11.01 -12.70
C ILE A 90 -8.91 -11.74 -11.71
N LEU A 91 -8.45 -11.01 -10.68
CA LEU A 91 -7.61 -11.60 -9.64
C LEU A 91 -8.50 -12.12 -8.53
N ILE A 92 -8.37 -13.40 -8.20
CA ILE A 92 -9.08 -13.96 -7.08
C ILE A 92 -8.11 -13.86 -5.91
N LEU A 93 -8.36 -12.88 -5.05
CA LEU A 93 -7.49 -12.55 -3.93
C LEU A 93 -8.06 -13.04 -2.61
N GLU A 94 -7.16 -13.18 -1.64
CA GLU A 94 -7.56 -13.44 -0.25
C GLU A 94 -8.58 -12.39 0.21
N LEU A 95 -9.60 -12.84 0.93
CA LEU A 95 -10.64 -11.96 1.46
C LEU A 95 -10.24 -11.44 2.84
N VAL A 96 -10.26 -10.12 2.98
CA VAL A 96 -9.97 -9.45 4.23
C VAL A 96 -11.17 -8.55 4.48
N ALA A 97 -11.98 -8.89 5.47
CA ALA A 97 -13.35 -8.35 5.58
C ALA A 97 -13.58 -7.23 6.59
N GLY A 98 -12.52 -6.77 7.26
CA GLY A 98 -12.65 -5.77 8.31
C GLY A 98 -12.50 -4.32 7.87
N GLY A 99 -12.45 -4.10 6.56
CA GLY A 99 -12.40 -2.76 6.00
C GLY A 99 -11.02 -2.12 6.00
N GLU A 100 -10.94 -0.91 5.46
CA GLU A 100 -9.67 -0.17 5.37
C GLU A 100 -9.21 0.38 6.71
N LEU A 101 -7.90 0.47 6.89
CA LEU A 101 -7.34 1.18 8.02
C LEU A 101 -7.83 2.62 7.98
N PHE A 102 -7.96 3.16 6.78
CA PHE A 102 -8.43 4.54 6.57
C PHE A 102 -9.79 4.75 7.23
N ASP A 103 -10.72 3.83 7.00
CA ASP A 103 -12.07 3.98 7.53
C ASP A 103 -12.12 3.70 9.04
N PHE A 104 -11.24 2.81 9.49
CA PHE A 104 -11.12 2.50 10.91
C PHE A 104 -10.64 3.73 11.67
N LEU A 105 -9.67 4.45 11.08
CA LEU A 105 -9.09 5.63 11.71
C LEU A 105 -10.09 6.77 11.79
N ALA A 106 -10.95 6.86 10.78
CA ALA A 106 -11.98 7.89 10.75
C ALA A 106 -12.93 7.72 11.92
N GLU A 107 -13.09 6.48 12.39
CA GLU A 107 -13.80 6.22 13.63
C GLU A 107 -13.02 6.75 14.82
N SER A 110 -7.93 9.55 16.72
CA SER A 110 -6.57 9.41 17.24
C SER A 110 -6.39 8.18 18.11
N LEU A 111 -5.33 7.44 17.86
CA LEU A 111 -5.01 6.26 18.63
C LEU A 111 -4.10 6.62 19.78
N THR A 112 -3.86 5.66 20.67
CA THR A 112 -2.77 5.77 21.63
C THR A 112 -1.51 5.36 20.90
N GLU A 113 -0.34 5.61 21.49
CA GLU A 113 0.92 5.19 20.86
C GLU A 113 1.00 3.67 20.71
N GLU A 114 0.45 2.95 21.69
CA GLU A 114 0.41 1.50 21.65
C GLU A 114 -0.44 1.00 20.48
N GLU A 115 -1.62 1.61 20.29
CA GLU A 115 -2.51 1.22 19.21
C GLU A 115 -1.85 1.51 17.86
N ALA A 116 -1.18 2.66 17.79
CA ALA A 116 -0.45 3.03 16.59
C ALA A 116 0.71 2.07 16.30
N THR A 117 1.49 1.72 17.32
CA THR A 117 2.60 0.79 17.10
C THR A 117 2.15 -0.63 16.84
N GLU A 118 0.96 -0.99 17.30
CA GLU A 118 0.46 -2.33 17.03
C GLU A 118 0.13 -2.48 15.54
N PHE A 119 -0.44 -1.44 14.95
CA PHE A 119 -0.64 -1.40 13.50
C PHE A 119 0.71 -1.31 12.80
N LEU A 120 1.54 -0.36 13.23
CA LEU A 120 2.77 -0.07 12.51
C LEU A 120 3.72 -1.26 12.49
N LYS A 121 3.80 -2.01 13.58
CA LYS A 121 4.66 -3.20 13.62
C LYS A 121 4.27 -4.23 12.58
N GLN A 122 2.98 -4.42 12.39
CA GLN A 122 2.49 -5.33 11.34
C GLN A 122 2.84 -4.81 9.95
N ILE A 123 2.65 -3.51 9.75
CA ILE A 123 3.00 -2.92 8.48
C ILE A 123 4.51 -3.09 8.23
N LEU A 124 5.31 -2.81 9.25
CA LEU A 124 6.76 -2.98 9.10
C LEU A 124 7.14 -4.43 8.78
N ASN A 125 6.49 -5.39 9.44
CA ASN A 125 6.75 -6.80 9.18
C ASN A 125 6.44 -7.16 7.74
N GLY A 126 5.30 -6.70 7.24
CA GLY A 126 4.92 -6.95 5.84
C GLY A 126 5.91 -6.31 4.86
N VAL A 127 6.28 -5.07 5.13
CA VAL A 127 7.22 -4.38 4.25
C VAL A 127 8.63 -4.98 4.33
N TYR A 128 9.01 -5.46 5.51
CA TYR A 128 10.28 -6.19 5.64
C TYR A 128 10.31 -7.41 4.71
N TYR A 129 9.24 -8.19 4.74
CA TYR A 129 9.09 -9.31 3.83
C TYR A 129 9.22 -8.87 2.36
N LEU A 130 8.44 -7.85 1.99
CA LEU A 130 8.45 -7.35 0.61
C LEU A 130 9.83 -6.85 0.20
N HIS A 131 10.45 -6.02 1.04
CA HIS A 131 11.75 -5.45 0.68
C HIS A 131 12.84 -6.52 0.63
N SER A 132 12.70 -7.55 1.47
CA SER A 132 13.60 -8.69 1.44
C SER A 132 13.54 -9.41 0.10
N LEU A 133 12.39 -9.35 -0.57
CA LEU A 133 12.23 -9.91 -1.91
C LEU A 133 12.48 -8.86 -2.99
N GLN A 134 13.03 -7.72 -2.58
CA GLN A 134 13.30 -6.60 -3.49
C GLN A 134 12.03 -6.06 -4.16
N ILE A 135 10.90 -6.17 -3.48
CA ILE A 135 9.65 -5.62 -4.00
C ILE A 135 9.36 -4.27 -3.34
N ALA A 136 9.30 -3.22 -4.15
CA ALA A 136 8.81 -1.93 -3.69
C ALA A 136 7.31 -1.88 -3.95
N HIS A 137 6.55 -1.49 -2.93
CA HIS A 137 5.10 -1.43 -3.07
C HIS A 137 4.66 -0.16 -3.84
N PHE A 138 5.23 0.97 -3.43
CA PHE A 138 5.04 2.28 -4.09
C PHE A 138 3.67 2.90 -3.93
N ASP A 139 2.79 2.29 -3.13
CA ASP A 139 1.46 2.87 -2.91
C ASP A 139 0.97 2.65 -1.49
N LEU A 140 1.88 2.72 -0.51
CA LEU A 140 1.51 2.51 0.89
C LEU A 140 0.77 3.72 1.45
N LYS A 141 -0.38 3.46 2.06
CA LYS A 141 -1.26 4.48 2.66
C LYS A 141 -2.36 3.72 3.40
N PRO A 142 -3.07 4.39 4.33
CA PRO A 142 -4.08 3.68 5.15
C PRO A 142 -5.20 3.03 4.34
N GLU A 143 -5.54 3.59 3.18
CA GLU A 143 -6.51 2.99 2.27
C GLU A 143 -6.06 1.61 1.74
N ASN A 144 -4.75 1.39 1.71
CA ASN A 144 -4.20 0.11 1.22
C ASN A 144 -3.72 -0.83 2.31
N ILE A 145 -4.28 -0.64 3.50
CA ILE A 145 -4.07 -1.55 4.61
C ILE A 145 -5.47 -2.02 5.00
N MET A 146 -5.69 -3.33 5.01
CA MET A 146 -7.00 -3.89 5.33
C MET A 146 -6.97 -4.62 6.66
N LEU A 147 -8.05 -4.52 7.42
CA LEU A 147 -8.12 -5.18 8.72
C LEU A 147 -8.83 -6.52 8.56
N LEU A 148 -8.36 -7.56 9.26
CA LEU A 148 -9.02 -8.86 9.21
C LEU A 148 -10.36 -8.82 9.93
N ASP A 149 -10.38 -8.17 11.08
CA ASP A 149 -11.56 -8.06 11.93
C ASP A 149 -11.42 -6.75 12.69
N ARG A 150 -12.30 -5.80 12.42
CA ARG A 150 -12.19 -4.47 13.01
C ARG A 150 -12.81 -4.41 14.40
N ASN A 151 -13.42 -5.51 14.83
CA ASN A 151 -14.09 -5.56 16.13
C ASN A 151 -13.28 -6.24 17.23
N VAL A 152 -11.96 -6.07 17.20
CA VAL A 152 -11.06 -6.54 18.26
C VAL A 152 -10.19 -5.35 18.67
N PRO A 153 -9.67 -5.37 19.92
CA PRO A 153 -8.89 -4.21 20.40
C PRO A 153 -7.61 -3.97 19.62
N LYS A 154 -7.04 -5.03 19.03
CA LYS A 154 -5.78 -4.93 18.30
C LYS A 154 -5.90 -5.58 16.93
N PRO A 155 -6.58 -4.89 16.00
CA PRO A 155 -6.89 -5.53 14.70
C PRO A 155 -5.64 -5.98 13.95
N ARG A 156 -5.73 -7.15 13.31
CA ARG A 156 -4.65 -7.62 12.45
C ARG A 156 -4.86 -7.10 11.03
N ILE A 157 -3.75 -6.85 10.32
CA ILE A 157 -3.82 -6.19 9.02
C ILE A 157 -3.06 -6.91 7.91
N LYS A 158 -3.43 -6.60 6.68
CA LYS A 158 -2.71 -7.08 5.50
C LYS A 158 -2.58 -5.93 4.52
N ILE A 159 -1.40 -5.82 3.92
CA ILE A 159 -1.14 -4.85 2.87
C ILE A 159 -1.77 -5.30 1.56
N ILE A 160 -2.51 -4.39 0.93
CA ILE A 160 -3.12 -4.67 -0.36
C ILE A 160 -2.68 -3.70 -1.45
N ASP A 161 -3.18 -3.93 -2.65
CA ASP A 161 -3.02 -3.07 -3.82
C ASP A 161 -1.60 -3.01 -4.38
N PHE A 162 -1.25 -4.01 -5.17
CA PHE A 162 0.07 -4.07 -5.79
C PHE A 162 0.12 -3.51 -7.21
N GLY A 163 -0.78 -2.58 -7.51
CA GLY A 163 -0.87 -1.99 -8.83
C GLY A 163 0.29 -1.11 -9.24
N LEU A 164 1.09 -0.65 -8.27
CA LEU A 164 2.26 0.15 -8.60
C LEU A 164 3.54 -0.57 -8.21
N ALA A 165 3.40 -1.77 -7.66
CA ALA A 165 4.56 -2.49 -7.15
C ALA A 165 5.56 -2.86 -8.25
N HIS A 166 6.84 -2.78 -7.91
CA HIS A 166 7.90 -3.15 -8.87
C HIS A 166 8.99 -3.92 -8.17
N LYS A 167 9.58 -4.88 -8.89
CA LYS A 167 10.84 -5.48 -8.45
C LYS A 167 11.99 -4.50 -8.65
N ILE A 168 12.86 -4.40 -7.67
CA ILE A 168 14.02 -3.50 -7.74
C ILE A 168 15.27 -4.35 -7.81
N ASP A 169 15.64 -4.78 -9.01
CA ASP A 169 16.79 -5.68 -9.20
C ASP A 169 18.15 -4.98 -9.22
N PHE A 170 18.14 -3.68 -9.51
CA PHE A 170 19.37 -2.88 -9.62
C PHE A 170 19.45 -1.76 -8.57
N GLY A 171 18.74 -1.92 -7.46
CA GLY A 171 18.78 -0.90 -6.42
C GLY A 171 17.89 0.30 -6.72
N ASN A 172 17.61 0.54 -8.00
CA ASN A 172 16.67 1.60 -8.37
C ASN A 172 15.98 1.32 -9.70
N GLU A 173 14.76 1.86 -9.84
CA GLU A 173 13.95 1.81 -11.06
C GLU A 173 13.78 3.22 -11.61
N PHE A 174 13.63 3.35 -12.92
CA PHE A 174 13.40 4.65 -13.54
C PHE A 174 12.27 4.54 -14.56
N LYS A 175 11.04 4.45 -14.07
CA LYS A 175 9.88 4.30 -14.92
C LYS A 175 8.83 5.35 -14.61
N ASN A 176 7.71 5.29 -15.33
CA ASN A 176 6.57 6.15 -15.00
C ASN A 176 5.86 5.61 -13.75
N ILE A 177 6.18 6.19 -12.59
CA ILE A 177 5.65 5.73 -11.32
C ILE A 177 5.32 6.92 -10.45
N PHE A 178 4.07 6.99 -9.99
CA PHE A 178 3.60 8.15 -9.23
C PHE A 178 2.29 7.80 -8.51
N GLY A 179 2.34 7.76 -7.18
CA GLY A 179 1.16 7.42 -6.39
C GLY A 179 0.36 8.60 -5.89
N THR A 180 -0.14 8.50 -4.65
CA THR A 180 -0.99 9.53 -4.06
C THR A 180 -0.14 10.64 -3.45
N PRO A 181 -0.37 11.91 -3.86
CA PRO A 181 0.48 13.03 -3.44
C PRO A 181 0.78 13.08 -1.92
N GLU A 182 -0.21 12.85 -1.07
CA GLU A 182 0.04 12.93 0.37
C GLU A 182 1.10 11.96 0.87
N PHE A 183 1.34 10.90 0.11
CA PHE A 183 2.17 9.78 0.60
C PHE A 183 3.44 9.52 -0.21
N VAL A 184 3.58 10.16 -1.35
CA VAL A 184 4.75 9.90 -2.20
C VAL A 184 5.99 10.61 -1.66
N ALA A 185 7.14 9.98 -1.87
CA ALA A 185 8.42 10.53 -1.41
C ALA A 185 8.89 11.63 -2.37
N PRO A 186 9.81 12.48 -1.90
CA PRO A 186 10.36 13.55 -2.73
C PRO A 186 10.94 13.02 -4.05
N GLU A 187 11.59 11.86 -4.05
CA GLU A 187 12.14 11.31 -5.30
C GLU A 187 11.06 11.01 -6.34
N ILE A 188 9.88 10.64 -5.88
CA ILE A 188 8.73 10.43 -6.78
C ILE A 188 8.28 11.77 -7.36
N VAL A 189 8.11 12.76 -6.49
CA VAL A 189 7.70 14.10 -6.89
C VAL A 189 8.65 14.67 -7.93
N ASN A 190 9.94 14.42 -7.73
CA ASN A 190 10.98 14.98 -8.60
C ASN A 190 11.38 14.08 -9.77
N TYR A 191 10.67 12.98 -9.94
CA TYR A 191 10.89 12.08 -11.09
C TYR A 191 12.30 11.52 -11.14
N GLU A 192 12.83 11.19 -9.98
CA GLU A 192 14.18 10.65 -9.82
CA GLU A 192 14.17 10.66 -9.91
C GLU A 192 14.11 9.14 -9.79
N PRO A 193 15.27 8.46 -9.93
CA PRO A 193 15.22 7.00 -9.81
C PRO A 193 14.68 6.57 -8.44
N LEU A 194 13.88 5.51 -8.42
CA LEU A 194 13.17 5.11 -7.21
C LEU A 194 13.66 3.77 -6.72
N GLY A 195 13.68 3.58 -5.40
CA GLY A 195 14.05 2.29 -4.83
C GLY A 195 13.13 1.92 -3.68
N LEU A 196 13.59 0.99 -2.85
CA LEU A 196 12.82 0.56 -1.66
C LEU A 196 12.64 1.71 -0.67
N GLU A 197 13.46 2.74 -0.80
CA GLU A 197 13.44 3.86 0.15
C GLU A 197 12.12 4.63 0.12
N ALA A 198 11.50 4.70 -1.05
CA ALA A 198 10.27 5.46 -1.19
C ALA A 198 9.18 4.94 -0.24
N ASP A 199 9.10 3.61 -0.07
CA ASP A 199 8.16 3.01 0.86
C ASP A 199 8.40 3.47 2.29
N MET A 200 9.67 3.66 2.65
CA MET A 200 9.99 4.07 4.00
C MET A 200 9.48 5.47 4.32
N TRP A 201 9.56 6.36 3.34
CA TRP A 201 8.99 7.69 3.47
C TRP A 201 7.49 7.57 3.71
N SER A 202 6.82 6.76 2.88
CA SER A 202 5.37 6.59 3.03
C SER A 202 5.00 6.09 4.41
N ILE A 203 5.80 5.18 4.95
CA ILE A 203 5.62 4.70 6.31
C ILE A 203 5.72 5.81 7.35
N GLY A 204 6.65 6.74 7.15
CA GLY A 204 6.75 7.92 8.02
C GLY A 204 5.47 8.73 8.00
N VAL A 205 4.89 8.89 6.81
CA VAL A 205 3.64 9.64 6.65
C VAL A 205 2.49 8.93 7.36
N ILE A 206 2.40 7.61 7.15
CA ILE A 206 1.40 6.80 7.83
C ILE A 206 1.54 6.93 9.35
N THR A 207 2.77 6.88 9.84
CA THR A 207 2.99 6.96 11.29
C THR A 207 2.53 8.31 11.85
N TYR A 208 2.87 9.38 11.13
CA TYR A 208 2.43 10.73 11.51
C TYR A 208 0.91 10.78 11.64
N ILE A 209 0.21 10.23 10.65
CA ILE A 209 -1.24 10.21 10.62
C ILE A 209 -1.83 9.33 11.74
N LEU A 210 -1.26 8.15 11.95
CA LEU A 210 -1.70 7.25 13.03
C LEU A 210 -1.70 7.97 14.38
N LEU A 211 -0.66 8.75 14.64
CA LEU A 211 -0.48 9.38 15.94
C LEU A 211 -1.30 10.63 16.15
N SER A 212 -1.57 11.36 15.07
CA SER A 212 -2.12 12.72 15.18
C SER A 212 -3.51 12.90 14.59
N GLY A 213 -3.86 12.05 13.61
CA GLY A 213 -5.10 12.20 12.87
C GLY A 213 -4.96 13.23 11.75
N ALA A 214 -3.76 13.74 11.54
CA ALA A 214 -3.52 14.78 10.56
C ALA A 214 -2.45 14.36 9.54
N SER A 215 -2.54 14.91 8.34
CA SER A 215 -1.62 14.59 7.25
C SER A 215 -0.49 15.64 7.21
N PRO A 216 0.78 15.17 7.24
CA PRO A 216 1.91 16.09 7.45
C PRO A 216 2.20 17.07 6.30
N PHE A 217 1.87 16.71 5.06
CA PHE A 217 2.23 17.55 3.90
C PHE A 217 1.02 18.09 3.16
N LEU A 218 -0.18 17.74 3.61
CA LEU A 218 -1.40 18.05 2.84
C LEU A 218 -1.62 19.54 2.64
N GLY A 219 -1.69 19.96 1.37
CA GLY A 219 -2.06 21.33 1.03
C GLY A 219 -3.48 21.39 0.52
N ASP A 220 -3.88 22.54 0.00
CA ASP A 220 -5.24 22.71 -0.49
C ASP A 220 -5.45 22.19 -1.91
N THR A 221 -4.35 21.93 -2.61
CA THR A 221 -4.40 21.35 -3.94
C THR A 221 -3.31 20.30 -4.02
N LYS A 222 -3.42 19.37 -4.97
CA LYS A 222 -2.39 18.34 -5.13
C LYS A 222 -1.03 18.98 -5.40
N GLN A 223 -0.98 20.06 -6.20
CA GLN A 223 0.31 20.71 -6.47
C GLN A 223 0.96 21.25 -5.20
N GLU A 224 0.17 21.85 -4.31
CA GLU A 224 0.66 22.31 -3.02
CA GLU A 224 0.71 22.32 -3.04
C GLU A 224 1.23 21.16 -2.19
N THR A 225 0.50 20.05 -2.17
CA THR A 225 0.96 18.87 -1.42
C THR A 225 2.30 18.40 -1.95
N LEU A 226 2.39 18.29 -3.27
CA LEU A 226 3.62 17.83 -3.90
C LEU A 226 4.78 18.78 -3.62
N ALA A 227 4.53 20.07 -3.67
CA ALA A 227 5.56 21.06 -3.39
C ALA A 227 6.01 20.94 -1.95
N ASN A 228 5.07 20.70 -1.04
CA ASN A 228 5.38 20.51 0.37
C ASN A 228 6.25 19.28 0.59
N VAL A 229 5.90 18.19 -0.08
CA VAL A 229 6.68 16.97 0.01
C VAL A 229 8.12 17.25 -0.40
N SER A 230 8.31 17.86 -1.56
CA SER A 230 9.64 18.06 -2.08
C SER A 230 10.51 18.93 -1.17
N ALA A 231 9.89 19.88 -0.48
CA ALA A 231 10.60 20.79 0.41
C ALA A 231 10.69 20.24 1.83
N VAL A 232 10.13 19.06 2.07
CA VAL A 232 10.02 18.49 3.41
C VAL A 232 9.39 19.52 4.35
N ASN A 233 8.27 20.06 3.89
CA ASN A 233 7.52 21.08 4.61
C ASN A 233 6.50 20.41 5.53
N TYR A 234 6.98 19.91 6.66
CA TYR A 234 6.10 19.38 7.70
C TYR A 234 6.68 19.74 9.06
N GLU A 235 5.83 19.76 10.07
CA GLU A 235 6.28 19.99 11.43
C GLU A 235 5.33 19.26 12.38
N PHE A 236 5.78 19.02 13.61
CA PHE A 236 4.95 18.37 14.62
C PHE A 236 4.14 19.39 15.41
N GLU A 237 2.87 19.56 15.06
CA GLU A 237 2.00 20.51 15.77
C GLU A 237 1.80 20.10 17.23
N ASP A 238 2.11 21.02 18.15
CA ASP A 238 1.95 20.77 19.57
C ASP A 238 0.52 20.33 19.94
N GLU A 239 -0.49 20.92 19.29
CA GLU A 239 -1.86 20.57 19.62
C GLU A 239 -2.13 19.08 19.42
N TYR A 240 -1.40 18.49 18.47
CA TYR A 240 -1.57 17.09 18.10
C TYR A 240 -0.58 16.16 18.82
N PHE A 241 0.62 16.64 19.06
CA PHE A 241 1.72 15.78 19.50
C PHE A 241 2.18 16.06 20.93
N SER A 242 1.49 16.95 21.66
CA SER A 242 1.93 17.37 23.00
C SER A 242 2.14 16.21 23.97
N ASN A 243 1.31 15.18 23.85
CA ASN A 243 1.47 14.00 24.70
C ASN A 243 1.91 12.76 23.93
N THR A 244 2.59 12.99 22.81
CA THR A 244 3.21 11.92 22.04
C THR A 244 4.70 11.90 22.41
N SER A 245 5.29 10.73 22.59
CA SER A 245 6.68 10.66 23.05
C SER A 245 7.66 11.24 22.04
N ALA A 246 8.76 11.78 22.54
CA ALA A 246 9.79 12.34 21.67
C ALA A 246 10.42 11.22 20.83
N LEU A 247 10.42 9.99 21.35
CA LEU A 247 10.97 8.86 20.63
C LEU A 247 10.12 8.52 19.40
N ALA A 248 8.80 8.62 19.54
CA ALA A 248 7.90 8.49 18.39
C ALA A 248 8.19 9.55 17.33
N LYS A 249 8.39 10.79 17.76
CA LYS A 249 8.71 11.84 16.80
C LYS A 249 10.04 11.56 16.10
N ASP A 250 11.00 11.01 16.84
CA ASP A 250 12.33 10.68 16.31
C ASP A 250 12.18 9.67 15.17
N PHE A 251 11.35 8.65 15.41
CA PHE A 251 11.10 7.62 14.40
C PHE A 251 10.61 8.25 13.11
N ILE A 252 9.62 9.15 13.22
CA ILE A 252 9.09 9.83 12.06
C ILE A 252 10.13 10.72 11.39
N ARG A 253 10.86 11.46 12.21
CA ARG A 253 11.88 12.36 11.69
C ARG A 253 12.93 11.64 10.85
N ARG A 254 13.26 10.39 11.22
CA ARG A 254 14.28 9.65 10.50
C ARG A 254 13.77 8.97 9.24
N LEU A 255 12.47 9.01 9.04
CA LEU A 255 11.86 8.51 7.81
C LEU A 255 11.54 9.62 6.84
N LEU A 256 11.15 10.78 7.36
CA LEU A 256 10.77 11.92 6.50
C LEU A 256 12.03 12.75 6.15
N VAL A 257 12.94 12.08 5.45
CA VAL A 257 14.24 12.61 5.09
C VAL A 257 14.31 12.64 3.58
N LYS A 258 14.66 13.77 3.00
CA LYS A 258 14.66 13.93 1.55
C LYS A 258 15.64 12.99 0.84
N ASP A 259 16.87 12.94 1.32
CA ASP A 259 17.91 12.12 0.72
C ASP A 259 17.64 10.64 1.01
N PRO A 260 17.30 9.85 -0.03
CA PRO A 260 16.91 8.44 0.18
C PRO A 260 18.03 7.64 0.85
N LYS A 261 19.29 8.03 0.61
CA LYS A 261 20.42 7.35 1.23
C LYS A 261 20.53 7.54 2.74
N LYS A 262 19.97 8.64 3.24
CA LYS A 262 20.05 8.96 4.66
C LYS A 262 18.78 8.56 5.41
N ARG A 263 17.77 8.12 4.67
CA ARG A 263 16.50 7.69 5.26
C ARG A 263 16.66 6.32 5.91
N MET A 264 15.95 6.07 7.01
CA MET A 264 15.98 4.75 7.62
C MET A 264 15.49 3.68 6.63
N THR A 265 16.15 2.55 6.62
CA THR A 265 15.72 1.40 5.83
C THR A 265 14.69 0.62 6.65
N ILE A 266 14.07 -0.39 6.05
CA ILE A 266 13.13 -1.20 6.82
C ILE A 266 13.83 -1.90 7.99
N GLN A 267 15.05 -2.37 7.78
CA GLN A 267 15.77 -2.97 8.89
C GLN A 267 16.07 -1.96 10.00
N ASP A 268 16.44 -0.74 9.63
CA ASP A 268 16.69 0.31 10.62
C ASP A 268 15.42 0.53 11.44
N SER A 269 14.29 0.52 10.75
CA SER A 269 13.02 0.85 11.40
CA SER A 269 13.01 0.83 11.38
C SER A 269 12.64 -0.20 12.44
N LEU A 270 13.04 -1.44 12.20
CA LEU A 270 12.73 -2.51 13.16
C LEU A 270 13.68 -2.49 14.36
N GLN A 271 14.84 -1.87 14.21
CA GLN A 271 15.82 -1.76 15.28
C GLN A 271 15.70 -0.46 16.05
N HIS A 272 14.91 0.47 15.52
CA HIS A 272 14.74 1.75 16.18
C HIS A 272 14.16 1.56 17.57
N PRO A 273 14.66 2.33 18.57
CA PRO A 273 14.25 2.11 19.96
C PRO A 273 12.74 2.23 20.23
N TRP A 274 11.99 2.91 19.37
CA TRP A 274 10.55 3.02 19.57
C TRP A 274 9.86 1.70 19.22
N ILE A 275 10.49 0.95 18.32
CA ILE A 275 9.91 -0.29 17.78
C ILE A 275 10.51 -1.53 18.42
N LYS A 276 11.82 -1.52 18.62
CA LYS A 276 12.55 -2.71 19.07
C LYS A 276 12.06 -3.16 20.45
N PRO A 277 11.59 -4.42 20.54
CA PRO A 277 10.91 -5.04 21.69
C PRO A 277 11.56 -4.78 23.05
#